data_4I4P
#
_entry.id   4I4P
#
_cell.length_a   41.580
_cell.length_b   66.580
_cell.length_c   105.050
_cell.angle_alpha   90.00
_cell.angle_beta   90.00
_cell.angle_gamma   90.00
#
_symmetry.space_group_name_H-M   'P 21 21 21'
#
loop_
_entity.id
_entity.type
_entity.pdbx_description
1 polymer 'BEL-beta trefoil'
2 non-polymer 2-AMINO-2-HYDROXYMETHYL-PROPANE-1,3-DIOL
3 water water
#
_entity_poly.entity_id   1
_entity_poly.type   'polypeptide(L)'
_entity_poly.pdbx_seq_one_letter_code
;VNFPNIPAEGVQFRLRARDTGYVIYSRTENPPLVWQYNGPPYDDQLFTLIYGTGPRKNLYAIKSVPNGRVLFSRTSASPY
VGNIAGDGTYNDNWFQFIQDDNDPNSFRIYNLASDTVLYSRTTADPKFGNFTGAKYDDQLWHFELV
;
_entity_poly.pdbx_strand_id   A,B
#
loop_
_chem_comp.id
_chem_comp.type
_chem_comp.name
_chem_comp.formula
TRS non-polymer 2-AMINO-2-HYDROXYMETHYL-PROPANE-1,3-DIOL 'C4 H12 N O3 1'
#
# COMPACT_ATOMS: atom_id res chain seq x y z
N VAL A 1 -4.04 5.17 -5.34
CA VAL A 1 -5.17 5.88 -4.77
C VAL A 1 -6.13 4.87 -4.19
N ASN A 2 -6.56 5.07 -2.95
CA ASN A 2 -7.56 4.19 -2.36
C ASN A 2 -8.90 4.32 -3.07
N PHE A 3 -9.59 3.19 -3.23
CA PHE A 3 -10.89 3.21 -3.88
C PHE A 3 -11.82 4.16 -3.12
N PRO A 4 -12.48 5.10 -3.81
CA PRO A 4 -13.22 6.14 -3.09
C PRO A 4 -14.59 5.71 -2.56
N ASN A 5 -15.07 4.53 -2.93
CA ASN A 5 -16.40 4.08 -2.49
C ASN A 5 -16.35 2.72 -1.79
N ILE A 6 -15.74 2.71 -0.62
CA ILE A 6 -15.60 1.51 0.19
C ILE A 6 -16.84 1.46 1.11
N PRO A 7 -17.55 0.32 1.15
CA PRO A 7 -18.77 0.24 1.97
C PRO A 7 -18.53 0.61 3.43
N ALA A 8 -19.49 1.29 4.03
CA ALA A 8 -19.40 1.66 5.43
C ALA A 8 -19.32 0.39 6.28
N GLU A 9 -18.69 0.52 7.44
CA GLU A 9 -18.47 -0.60 8.33
C GLU A 9 -19.79 -1.27 8.72
N GLY A 10 -19.90 -2.57 8.43
CA GLY A 10 -21.10 -3.33 8.76
C GLY A 10 -22.07 -3.51 7.60
N VAL A 11 -21.90 -2.73 6.54
CA VAL A 11 -22.69 -2.91 5.33
C VAL A 11 -22.25 -4.20 4.64
N GLN A 12 -23.21 -4.99 4.16
CA GLN A 12 -22.92 -6.25 3.50
C GLN A 12 -22.70 -6.07 2.00
N PHE A 13 -21.89 -6.93 1.43
CA PHE A 13 -21.63 -6.90 -0.01
C PHE A 13 -21.06 -8.24 -0.46
N ARG A 14 -21.13 -8.47 -1.77
CA ARG A 14 -20.35 -9.50 -2.41
C ARG A 14 -19.13 -8.83 -3.06
N LEU A 15 -18.08 -9.62 -3.28
CA LEU A 15 -16.92 -9.18 -4.02
C LEU A 15 -16.99 -9.87 -5.38
N ARG A 16 -17.26 -9.09 -6.42
CA ARG A 16 -17.44 -9.63 -7.76
C ARG A 16 -16.30 -9.19 -8.66
N ALA A 17 -15.72 -10.13 -9.38
CA ALA A 17 -14.61 -9.83 -10.26
C ALA A 17 -15.14 -9.08 -11.48
N ARG A 18 -14.47 -8.00 -11.87
CA ARG A 18 -14.90 -7.19 -13.01
C ARG A 18 -15.02 -7.98 -14.29
N ASP A 19 -13.98 -8.76 -14.62
CA ASP A 19 -13.95 -9.45 -15.91
C ASP A 19 -14.70 -10.77 -15.93
N THR A 20 -14.43 -11.67 -14.98
CA THR A 20 -15.11 -12.96 -15.00
C THR A 20 -16.55 -12.88 -14.55
N GLY A 21 -16.88 -11.92 -13.70
CA GLY A 21 -18.20 -11.87 -13.10
C GLY A 21 -18.41 -12.89 -12.00
N TYR A 22 -17.34 -13.58 -11.58
CA TYR A 22 -17.46 -14.54 -10.47
C TYR A 22 -17.42 -13.79 -9.14
N VAL A 23 -17.90 -14.43 -8.09
CA VAL A 23 -17.82 -13.84 -6.75
C VAL A 23 -16.97 -14.71 -5.83
N ILE A 24 -16.43 -14.11 -4.77
CA ILE A 24 -15.68 -14.84 -3.77
C ILE A 24 -16.66 -15.47 -2.78
N TYR A 25 -16.36 -16.69 -2.34
CA TYR A 25 -17.04 -17.26 -1.19
C TYR A 25 -16.02 -17.57 -0.10
N SER A 26 -16.51 -17.69 1.13
CA SER A 26 -15.69 -18.02 2.28
C SER A 26 -16.52 -18.91 3.19
N ARG A 27 -16.12 -20.16 3.32
CA ARG A 27 -16.90 -21.16 4.06
C ARG A 27 -16.02 -21.90 5.06
N THR A 28 -16.61 -22.76 5.87
CA THR A 28 -15.87 -23.39 6.95
C THR A 28 -15.52 -24.86 6.68
N GLU A 29 -16.13 -25.45 5.67
CA GLU A 29 -15.85 -26.85 5.38
C GLU A 29 -15.69 -27.09 3.88
N ASN A 30 -14.94 -28.15 3.57
CA ASN A 30 -14.67 -28.59 2.21
C ASN A 30 -13.73 -27.65 1.46
N PRO A 31 -12.42 -27.90 1.55
CA PRO A 31 -11.45 -27.07 0.82
C PRO A 31 -11.74 -27.11 -0.67
N PRO A 32 -11.50 -25.99 -1.38
CA PRO A 32 -10.96 -24.73 -0.87
C PRO A 32 -12.01 -23.92 -0.10
N LEU A 33 -11.63 -23.46 1.08
CA LEU A 33 -12.56 -22.71 1.92
C LEU A 33 -12.84 -21.32 1.38
N VAL A 34 -11.88 -20.76 0.62
CA VAL A 34 -12.10 -19.48 -0.05
C VAL A 34 -11.80 -19.71 -1.53
N TRP A 35 -12.74 -19.37 -2.39
CA TRP A 35 -12.56 -19.58 -3.81
C TRP A 35 -13.54 -18.69 -4.54
N GLN A 36 -13.61 -18.85 -5.86
CA GLN A 36 -14.55 -18.09 -6.67
C GLN A 36 -15.72 -18.96 -7.10
N TYR A 37 -16.84 -18.32 -7.43
CA TYR A 37 -18.04 -19.04 -7.76
C TYR A 37 -18.87 -18.30 -8.80
N ASN A 38 -19.39 -19.07 -9.75
CA ASN A 38 -20.30 -18.56 -10.76
C ASN A 38 -21.63 -19.28 -10.60
N GLY A 39 -22.60 -18.63 -9.97
CA GLY A 39 -23.87 -19.26 -9.73
C GLY A 39 -24.78 -18.42 -8.86
N PRO A 40 -25.80 -19.04 -8.26
CA PRO A 40 -26.80 -18.31 -7.45
C PRO A 40 -26.18 -17.61 -6.25
N PRO A 41 -26.87 -16.59 -5.72
CA PRO A 41 -26.42 -15.96 -4.49
C PRO A 41 -26.59 -16.90 -3.30
N TYR A 42 -25.53 -17.01 -2.51
CA TYR A 42 -25.54 -17.78 -1.28
C TYR A 42 -24.89 -16.93 -0.19
N ASP A 43 -25.25 -17.22 1.05
CA ASP A 43 -24.79 -16.42 2.18
C ASP A 43 -23.28 -16.44 2.37
N ASP A 44 -22.62 -17.53 1.98
CA ASP A 44 -21.17 -17.58 2.12
C ASP A 44 -20.42 -16.67 1.16
N GLN A 45 -21.14 -15.96 0.31
CA GLN A 45 -20.56 -14.94 -0.56
C GLN A 45 -20.68 -13.55 0.07
N LEU A 46 -21.28 -13.46 1.25
CA LEU A 46 -21.53 -12.17 1.88
C LEU A 46 -20.45 -11.80 2.87
N PHE A 47 -19.99 -10.55 2.78
CA PHE A 47 -18.94 -10.03 3.64
C PHE A 47 -19.32 -8.68 4.20
N THR A 48 -18.67 -8.31 5.29
CA THR A 48 -18.60 -6.93 5.73
C THR A 48 -17.14 -6.60 5.99
N LEU A 49 -16.86 -5.33 6.24
CA LEU A 49 -15.51 -4.87 6.54
C LEU A 49 -15.37 -4.49 8.00
N ILE A 50 -14.24 -4.86 8.59
CA ILE A 50 -13.78 -4.24 9.83
C ILE A 50 -12.80 -3.16 9.43
N TYR A 51 -13.08 -1.92 9.84
CA TYR A 51 -12.22 -0.79 9.47
C TYR A 51 -10.98 -0.76 10.36
N GLY A 52 -9.80 -0.78 9.73
CA GLY A 52 -8.57 -0.61 10.49
C GLY A 52 -8.44 0.82 10.97
N THR A 53 -7.83 0.99 12.13
CA THR A 53 -7.57 2.34 12.67
C THR A 53 -6.12 2.41 13.11
N GLY A 54 -5.64 3.62 13.39
CA GLY A 54 -4.28 3.80 13.87
C GLY A 54 -3.30 3.27 12.85
N PRO A 55 -2.47 2.30 13.25
CA PRO A 55 -1.49 1.73 12.32
C PRO A 55 -2.17 1.07 11.12
N ARG A 56 -3.43 0.67 11.29
CA ARG A 56 -4.16 0.01 10.21
C ARG A 56 -5.11 0.91 9.47
N LYS A 57 -4.96 2.22 9.63
CA LYS A 57 -5.71 3.18 8.84
C LYS A 57 -5.52 2.90 7.35
N ASN A 58 -6.64 2.85 6.63
CA ASN A 58 -6.70 2.53 5.20
C ASN A 58 -6.54 1.05 4.87
N LEU A 59 -6.56 0.22 5.91
CA LEU A 59 -6.67 -1.23 5.75
C LEU A 59 -7.96 -1.72 6.37
N TYR A 60 -8.37 -2.92 5.96
CA TYR A 60 -9.67 -3.50 6.32
C TYR A 60 -9.54 -5.00 6.43
N ALA A 61 -10.28 -5.59 7.36
CA ALA A 61 -10.45 -7.03 7.39
C ALA A 61 -11.77 -7.36 6.70
N ILE A 62 -11.76 -8.46 5.94
CA ILE A 62 -12.92 -8.86 5.14
C ILE A 62 -13.54 -10.08 5.82
N LYS A 63 -14.69 -9.84 6.44
CA LYS A 63 -15.28 -10.77 7.40
C LYS A 63 -16.54 -11.41 6.86
N SER A 64 -16.59 -12.73 6.91
CA SER A 64 -17.76 -13.48 6.45
C SER A 64 -18.99 -13.19 7.29
N VAL A 65 -20.11 -12.94 6.62
CA VAL A 65 -21.38 -12.79 7.32
C VAL A 65 -21.83 -14.09 8.04
N PRO A 66 -21.95 -15.22 7.31
CA PRO A 66 -22.47 -16.41 8.02
C PRO A 66 -21.51 -17.03 9.04
N ASN A 67 -20.20 -16.93 8.84
CA ASN A 67 -19.29 -17.68 9.71
C ASN A 67 -18.29 -16.86 10.49
N GLY A 68 -18.18 -15.57 10.21
CA GLY A 68 -17.36 -14.69 11.03
C GLY A 68 -15.87 -14.74 10.79
N ARG A 69 -15.41 -15.65 9.93
CA ARG A 69 -13.98 -15.71 9.66
C ARG A 69 -13.56 -14.57 8.76
N VAL A 70 -12.29 -14.17 8.86
CA VAL A 70 -11.77 -13.13 7.99
C VAL A 70 -10.84 -13.76 6.96
N LEU A 71 -10.71 -13.09 5.81
CA LEU A 71 -9.82 -13.56 4.77
C LEU A 71 -8.35 -13.32 5.13
N PHE A 72 -7.48 -14.17 4.57
CA PHE A 72 -6.05 -13.89 4.56
C PHE A 72 -5.48 -14.18 3.19
N SER A 73 -4.35 -13.55 2.90
CA SER A 73 -3.65 -13.76 1.63
C SER A 73 -2.15 -13.76 1.91
N ARG A 74 -1.50 -14.88 1.63
CA ARG A 74 -0.09 -15.07 1.97
C ARG A 74 0.65 -15.79 0.84
N THR A 75 1.97 -15.84 0.93
CA THR A 75 2.74 -16.58 -0.06
C THR A 75 3.57 -17.71 0.54
N SER A 76 3.51 -17.87 1.86
CA SER A 76 4.41 -18.76 2.57
C SER A 76 3.97 -20.22 2.60
N ALA A 77 2.67 -20.44 2.39
CA ALA A 77 2.11 -21.79 2.49
C ALA A 77 0.74 -21.88 1.85
N SER A 78 0.31 -23.11 1.58
CA SER A 78 -1.00 -23.38 1.02
C SER A 78 -1.98 -23.72 2.15
N PRO A 79 -3.22 -23.24 2.05
CA PRO A 79 -3.73 -22.42 0.95
C PRO A 79 -3.19 -20.99 1.00
N TYR A 80 -2.96 -20.40 -0.18
CA TYR A 80 -2.43 -19.04 -0.27
C TYR A 80 -3.47 -18.02 0.13
N VAL A 81 -4.72 -18.25 -0.28
CA VAL A 81 -5.84 -17.42 0.13
C VAL A 81 -6.78 -18.30 0.92
N GLY A 82 -7.14 -17.85 2.11
CA GLY A 82 -7.99 -18.66 2.96
C GLY A 82 -8.71 -17.81 3.98
N ASN A 83 -9.20 -18.46 5.03
CA ASN A 83 -9.89 -17.73 6.07
C ASN A 83 -9.45 -18.23 7.44
N ILE A 84 -9.76 -17.42 8.46
CA ILE A 84 -9.32 -17.70 9.81
C ILE A 84 -10.28 -16.98 10.77
N ALA A 85 -10.54 -17.57 11.92
CA ALA A 85 -11.41 -16.92 12.90
C ALA A 85 -10.74 -15.68 13.50
N GLY A 86 -11.56 -14.86 14.13
CA GLY A 86 -11.08 -13.66 14.77
C GLY A 86 -11.53 -12.40 14.06
N ASP A 87 -10.95 -11.28 14.45
CA ASP A 87 -11.26 -9.99 13.87
C ASP A 87 -10.03 -9.37 13.24
N GLY A 88 -9.13 -10.22 12.72
CA GLY A 88 -7.91 -9.73 12.11
C GLY A 88 -6.69 -9.82 13.01
N THR A 89 -6.53 -10.97 13.64
CA THR A 89 -5.42 -11.25 14.53
C THR A 89 -4.04 -11.11 13.89
N TYR A 90 -3.94 -11.47 12.62
CA TYR A 90 -2.64 -11.55 11.93
C TYR A 90 -2.51 -10.49 10.88
N ASN A 91 -1.28 -10.06 10.62
CA ASN A 91 -1.07 -8.95 9.69
C ASN A 91 -1.57 -9.24 8.28
N ASP A 92 -1.55 -10.51 7.86
CA ASP A 92 -2.03 -10.85 6.53
C ASP A 92 -3.55 -10.99 6.44
N ASN A 93 -4.24 -10.58 7.51
CA ASN A 93 -5.70 -10.47 7.51
C ASN A 93 -6.17 -9.07 7.08
N TRP A 94 -5.24 -8.20 6.70
CA TRP A 94 -5.57 -6.80 6.45
C TRP A 94 -5.32 -6.40 5.00
N PHE A 95 -6.32 -5.77 4.39
CA PHE A 95 -6.30 -5.47 2.96
C PHE A 95 -6.52 -3.99 2.67
N GLN A 96 -5.92 -3.52 1.60
CA GLN A 96 -6.09 -2.18 1.09
C GLN A 96 -6.88 -2.32 -0.22
N PHE A 97 -7.82 -1.42 -0.48
CA PHE A 97 -8.55 -1.43 -1.73
C PHE A 97 -7.99 -0.33 -2.61
N ILE A 98 -7.23 -0.71 -3.62
CA ILE A 98 -6.48 0.25 -4.41
C ILE A 98 -7.15 0.42 -5.75
N GLN A 99 -7.63 1.62 -6.02
CA GLN A 99 -8.30 1.93 -7.27
C GLN A 99 -7.38 1.62 -8.46
N ASP A 100 -7.94 1.04 -9.51
CA ASP A 100 -7.18 0.83 -10.73
C ASP A 100 -6.77 2.17 -11.35
N ASP A 101 -5.60 2.21 -11.97
CA ASP A 101 -5.08 3.43 -12.59
C ASP A 101 -5.89 3.87 -13.79
N ASN A 102 -6.42 2.91 -14.53
CA ASN A 102 -7.11 3.19 -15.79
C ASN A 102 -8.63 3.10 -15.73
N ASP A 103 -9.15 2.22 -14.86
CA ASP A 103 -10.58 2.12 -14.61
C ASP A 103 -10.85 2.45 -13.15
N PRO A 104 -11.20 3.72 -12.88
CA PRO A 104 -11.37 4.17 -11.49
C PRO A 104 -12.58 3.56 -10.81
N ASN A 105 -13.43 2.86 -11.56
CA ASN A 105 -14.55 2.16 -10.96
C ASN A 105 -14.26 0.72 -10.53
N SER A 106 -13.00 0.31 -10.57
CA SER A 106 -12.66 -0.98 -10.01
CA SER A 106 -12.60 -1.01 -10.09
C SER A 106 -11.40 -0.87 -9.17
N PHE A 107 -11.14 -1.89 -8.36
CA PHE A 107 -10.02 -1.86 -7.45
C PHE A 107 -9.36 -3.22 -7.33
N ARG A 108 -8.13 -3.20 -6.83
CA ARG A 108 -7.43 -4.40 -6.41
C ARG A 108 -7.57 -4.63 -4.93
N ILE A 109 -7.63 -5.89 -4.55
CA ILE A 109 -7.69 -6.29 -3.15
C ILE A 109 -6.27 -6.67 -2.74
N TYR A 110 -5.61 -5.70 -2.11
CA TYR A 110 -4.16 -5.75 -1.89
C TYR A 110 -3.83 -6.08 -0.45
N ASN A 111 -2.88 -6.97 -0.26
CA ASN A 111 -2.44 -7.36 1.08
C ASN A 111 -1.05 -6.79 1.34
N LEU A 112 -0.97 -5.88 2.29
CA LEU A 112 0.31 -5.24 2.62
C LEU A 112 1.33 -6.21 3.21
N ALA A 113 0.88 -7.17 4.01
CA ALA A 113 1.78 -8.11 4.63
C ALA A 113 2.49 -8.98 3.59
N SER A 114 1.75 -9.45 2.57
CA SER A 114 2.31 -10.39 1.61
C SER A 114 2.63 -9.76 0.25
N ASP A 115 2.28 -8.48 0.07
CA ASP A 115 2.50 -7.76 -1.19
C ASP A 115 1.84 -8.50 -2.36
N THR A 116 0.61 -8.95 -2.14
CA THR A 116 -0.15 -9.66 -3.17
C THR A 116 -1.49 -9.00 -3.45
N VAL A 117 -2.04 -9.29 -4.62
CA VAL A 117 -3.41 -8.93 -4.95
C VAL A 117 -4.20 -10.20 -5.30
N LEU A 118 -5.51 -10.18 -5.08
CA LEU A 118 -6.36 -11.32 -5.46
C LEU A 118 -6.74 -11.23 -6.93
N TYR A 119 -6.94 -12.37 -7.57
CA TYR A 119 -7.35 -12.39 -8.97
C TYR A 119 -8.40 -13.47 -9.22
N SER A 120 -9.13 -13.31 -10.32
CA SER A 120 -10.15 -14.25 -10.76
C SER A 120 -10.04 -14.39 -12.27
N ARG A 121 -9.92 -15.62 -12.75
CA ARG A 121 -9.81 -15.89 -14.18
C ARG A 121 -10.50 -17.21 -14.52
N THR A 122 -10.66 -17.46 -15.82
CA THR A 122 -11.38 -18.64 -16.29
C THR A 122 -10.45 -19.72 -16.84
N THR A 123 -9.18 -19.37 -17.01
CA THR A 123 -8.23 -20.21 -17.73
C THR A 123 -7.28 -21.04 -16.86
N ALA A 124 -6.09 -20.50 -16.65
CA ALA A 124 -5.00 -21.21 -16.00
C ALA A 124 -5.26 -21.47 -14.52
N ASP A 125 -4.86 -22.65 -14.04
CA ASP A 125 -4.96 -22.95 -12.61
C ASP A 125 -3.76 -22.35 -11.86
N PRO A 126 -3.97 -21.92 -10.61
CA PRO A 126 -5.29 -21.87 -9.96
C PRO A 126 -6.10 -20.69 -10.48
N LYS A 127 -7.38 -20.93 -10.74
CA LYS A 127 -8.21 -19.92 -11.41
C LYS A 127 -8.59 -18.77 -10.50
N PHE A 128 -8.48 -19.00 -9.18
CA PHE A 128 -8.61 -17.95 -8.18
C PHE A 128 -7.36 -18.02 -7.32
N GLY A 129 -6.85 -16.88 -6.91
CA GLY A 129 -5.66 -16.89 -6.08
C GLY A 129 -5.10 -15.52 -5.82
N ASN A 130 -3.82 -15.48 -5.48
CA ASN A 130 -3.13 -14.23 -5.26
C ASN A 130 -1.88 -14.11 -6.14
N PHE A 131 -1.33 -12.91 -6.23
CA PHE A 131 -0.27 -12.64 -7.19
C PHE A 131 0.54 -11.44 -6.78
N THR A 132 1.85 -11.58 -6.86
CA THR A 132 2.77 -10.46 -6.73
C THR A 132 3.38 -10.19 -8.09
N GLY A 133 3.05 -9.03 -8.67
CA GLY A 133 3.59 -8.71 -9.98
C GLY A 133 2.84 -7.58 -10.63
N ALA A 134 2.95 -7.52 -11.95
CA ALA A 134 2.36 -6.46 -12.76
C ALA A 134 0.84 -6.41 -12.63
N LYS A 135 0.30 -5.26 -13.03
CA LYS A 135 -1.12 -5.02 -12.93
C LYS A 135 -1.82 -5.57 -14.16
N TYR A 136 -2.74 -6.50 -13.93
CA TYR A 136 -3.55 -7.10 -14.97
C TYR A 136 -5.03 -6.98 -14.63
N ASP A 137 -5.85 -7.06 -15.67
CA ASP A 137 -7.29 -6.85 -15.54
C ASP A 137 -8.00 -7.90 -14.69
N ASP A 138 -7.44 -9.12 -14.63
CA ASP A 138 -8.05 -10.17 -13.81
C ASP A 138 -7.92 -9.94 -12.31
N GLN A 139 -7.24 -8.85 -11.95
CA GLN A 139 -7.06 -8.45 -10.55
C GLN A 139 -8.09 -7.44 -10.07
N LEU A 140 -9.04 -7.10 -10.94
CA LEU A 140 -9.98 -6.01 -10.68
C LEU A 140 -11.32 -6.50 -10.13
N TRP A 141 -11.79 -5.81 -9.10
CA TRP A 141 -12.98 -6.20 -8.35
C TRP A 141 -13.94 -5.03 -8.19
N HIS A 142 -15.19 -5.37 -7.90
CA HIS A 142 -16.24 -4.45 -7.49
C HIS A 142 -16.83 -4.88 -6.15
N PHE A 143 -17.30 -3.91 -5.36
CA PHE A 143 -18.20 -4.20 -4.25
C PHE A 143 -19.61 -4.26 -4.80
N GLU A 144 -20.31 -5.35 -4.56
CA GLU A 144 -21.68 -5.47 -5.01
C GLU A 144 -22.56 -5.41 -3.77
N LEU A 145 -23.25 -4.29 -3.61
CA LEU A 145 -23.93 -4.02 -2.35
C LEU A 145 -25.19 -4.86 -2.21
N VAL A 146 -25.45 -5.31 -0.99
CA VAL A 146 -26.59 -6.18 -0.71
C VAL A 146 -27.63 -5.45 0.14
N VAL B 1 4.16 -3.83 -6.40
CA VAL B 1 5.28 -4.67 -5.97
C VAL B 1 6.26 -3.82 -5.19
N ASN B 2 6.67 -4.29 -4.03
CA ASN B 2 7.66 -3.57 -3.24
C ASN B 2 8.99 -3.51 -3.97
N PHE B 3 9.67 -2.38 -3.87
CA PHE B 3 10.99 -2.24 -4.48
C PHE B 3 11.91 -3.35 -3.96
N PRO B 4 12.59 -4.06 -4.88
CA PRO B 4 13.33 -5.25 -4.43
C PRO B 4 14.67 -4.97 -3.76
N ASN B 5 15.18 -3.73 -3.82
CA ASN B 5 16.47 -3.41 -3.23
C ASN B 5 16.37 -2.25 -2.24
N ILE B 6 15.75 -2.51 -1.11
CA ILE B 6 15.58 -1.53 -0.06
C ILE B 6 16.75 -1.67 0.93
N PRO B 7 17.47 -0.57 1.24
CA PRO B 7 18.64 -0.67 2.12
C PRO B 7 18.32 -1.35 3.45
N ALA B 8 19.27 -2.14 3.94
CA ALA B 8 19.13 -2.77 5.25
C ALA B 8 19.12 -1.70 6.35
N GLU B 9 18.57 -2.04 7.52
CA GLU B 9 18.60 -1.11 8.64
C GLU B 9 20.03 -0.66 8.93
N GLY B 10 20.18 0.61 9.24
CA GLY B 10 21.48 1.16 9.56
C GLY B 10 22.31 1.60 8.37
N VAL B 11 21.92 1.17 7.17
CA VAL B 11 22.63 1.56 5.95
C VAL B 11 22.21 2.97 5.55
N GLN B 12 23.20 3.86 5.37
CA GLN B 12 22.91 5.26 5.08
C GLN B 12 22.78 5.50 3.58
N PHE B 13 21.88 6.40 3.21
CA PHE B 13 21.62 6.70 1.81
C PHE B 13 21.02 8.09 1.68
N ARG B 14 21.04 8.60 0.45
CA ARG B 14 20.24 9.76 0.08
C ARG B 14 19.07 9.30 -0.76
N LEU B 15 18.04 10.14 -0.84
CA LEU B 15 16.90 9.87 -1.69
C LEU B 15 16.96 10.90 -2.81
N ARG B 16 17.27 10.43 -4.02
CA ARG B 16 17.43 11.34 -5.15
C ARG B 16 16.36 11.03 -6.20
N ALA B 17 15.70 12.08 -6.68
CA ALA B 17 14.64 11.90 -7.66
C ALA B 17 15.25 11.51 -9.00
N ARG B 18 14.64 10.52 -9.68
CA ARG B 18 15.20 10.01 -10.92
C ARG B 18 15.35 11.10 -11.97
N ASP B 19 14.31 11.91 -12.16
CA ASP B 19 14.29 12.87 -13.26
C ASP B 19 14.94 14.22 -12.93
N THR B 20 14.54 14.86 -11.83
CA THR B 20 15.15 16.15 -11.50
C THR B 20 16.59 16.00 -11.05
N GLY B 21 16.91 14.87 -10.44
CA GLY B 21 18.21 14.68 -9.82
C GLY B 21 18.38 15.42 -8.50
N TYR B 22 17.28 15.94 -7.96
CA TYR B 22 17.32 16.65 -6.68
C TYR B 22 17.22 15.64 -5.53
N VAL B 23 17.82 15.99 -4.39
CA VAL B 23 17.79 15.15 -3.19
C VAL B 23 16.90 15.73 -2.11
N ILE B 24 16.32 14.86 -1.31
CA ILE B 24 15.57 15.30 -0.13
C ILE B 24 16.55 15.67 0.98
N TYR B 25 16.26 16.75 1.70
CA TYR B 25 16.96 17.04 2.94
C TYR B 25 15.94 17.14 4.07
N SER B 26 16.41 16.94 5.29
CA SER B 26 15.56 17.02 6.47
C SER B 26 16.39 17.69 7.56
N ARG B 27 16.02 18.91 7.95
CA ARG B 27 16.82 19.70 8.88
C ARG B 27 15.94 20.23 10.02
N THR B 28 16.55 20.98 10.95
CA THR B 28 15.81 21.38 12.14
C THR B 28 15.59 22.88 12.25
N GLU B 29 16.18 23.65 11.35
CA GLU B 29 15.97 25.10 11.32
C GLU B 29 15.69 25.58 9.90
N ASN B 30 14.99 26.71 9.81
CA ASN B 30 14.79 27.44 8.56
C ASN B 30 13.84 26.74 7.58
N PRO B 31 12.53 26.93 7.77
CA PRO B 31 11.54 26.24 6.93
C PRO B 31 11.68 26.60 5.47
N PRO B 32 11.38 25.65 4.57
CA PRO B 32 10.89 24.30 4.84
C PRO B 32 11.95 23.35 5.43
N LEU B 33 11.58 22.64 6.49
CA LEU B 33 12.50 21.73 7.15
C LEU B 33 12.77 20.49 6.31
N VAL B 34 11.81 20.10 5.47
CA VAL B 34 12.02 19.01 4.53
C VAL B 34 11.71 19.57 3.15
N TRP B 35 12.67 19.44 2.24
CA TRP B 35 12.47 19.94 0.88
C TRP B 35 13.49 19.24 -0.03
N GLN B 36 13.60 19.72 -1.25
CA GLN B 36 14.56 19.16 -2.21
C GLN B 36 15.70 20.15 -2.44
N TYR B 37 16.83 19.65 -2.92
CA TYR B 37 18.02 20.47 -3.08
C TYR B 37 18.84 20.02 -4.29
N ASN B 38 19.39 20.98 -5.00
CA ASN B 38 20.11 20.70 -6.26
C ASN B 38 21.64 20.70 -6.23
N GLY B 39 22.25 20.68 -5.06
CA GLY B 39 23.70 20.76 -4.97
C GLY B 39 24.37 19.52 -4.42
N PRO B 40 25.61 19.66 -3.93
CA PRO B 40 26.45 18.56 -3.47
C PRO B 40 26.02 18.01 -2.11
N PRO B 41 26.65 16.90 -1.66
CA PRO B 41 26.23 16.27 -0.41
C PRO B 41 26.41 17.13 0.84
N TYR B 42 25.38 17.11 1.67
CA TYR B 42 25.43 17.65 3.02
C TYR B 42 24.80 16.61 3.92
N ASP B 43 25.15 16.62 5.20
CA ASP B 43 24.70 15.57 6.10
C ASP B 43 23.19 15.44 6.26
N ASP B 44 22.47 16.55 6.11
CA ASP B 44 21.02 16.50 6.27
C ASP B 44 20.29 15.84 5.10
N GLN B 45 21.05 15.37 4.11
CA GLN B 45 20.50 14.55 3.03
C GLN B 45 20.63 13.06 3.37
N LEU B 46 21.22 12.74 4.50
CA LEU B 46 21.47 11.34 4.86
C LEU B 46 20.36 10.74 5.72
N PHE B 47 19.92 9.55 5.34
CA PHE B 47 18.85 8.84 6.05
C PHE B 47 19.23 7.38 6.28
N THR B 48 18.56 6.76 7.25
CA THR B 48 18.46 5.30 7.31
C THR B 48 16.99 4.94 7.47
N LEU B 49 16.70 3.65 7.39
CA LEU B 49 15.33 3.16 7.52
C LEU B 49 15.11 2.43 8.82
N ILE B 50 14.01 2.74 9.48
CA ILE B 50 13.52 1.92 10.59
C ILE B 50 12.55 0.93 9.99
N TYR B 51 12.85 -0.36 10.14
CA TYR B 51 12.02 -1.40 9.54
C TYR B 51 10.75 -1.61 10.34
N GLY B 52 9.60 -1.46 9.69
CA GLY B 52 8.35 -1.81 10.34
C GLY B 52 8.21 -3.32 10.50
N THR B 53 7.59 -3.73 11.60
CA THR B 53 7.28 -5.14 11.80
C THR B 53 5.83 -5.28 12.23
N GLY B 54 5.34 -6.51 12.23
CA GLY B 54 3.98 -6.78 12.66
C GLY B 54 3.02 -6.04 11.75
N PRO B 55 2.19 -5.16 12.34
CA PRO B 55 1.23 -4.39 11.55
C PRO B 55 1.91 -3.51 10.50
N ARG B 56 3.17 -3.17 10.75
CA ARG B 56 3.92 -2.28 9.87
C ARG B 56 4.89 -3.00 8.96
N LYS B 57 4.75 -4.32 8.84
CA LYS B 57 5.55 -5.07 7.87
C LYS B 57 5.38 -4.50 6.48
N ASN B 58 6.52 -4.29 5.80
CA ASN B 58 6.60 -3.66 4.48
C ASN B 58 6.46 -2.14 4.46
N LEU B 59 6.43 -1.54 5.66
CA LEU B 59 6.53 -0.09 5.80
C LEU B 59 7.82 0.24 6.53
N TYR B 60 8.24 1.51 6.40
CA TYR B 60 9.52 1.96 6.94
C TYR B 60 9.38 3.40 7.40
N ALA B 61 10.07 3.75 8.48
CA ALA B 61 10.23 5.17 8.81
C ALA B 61 11.58 5.64 8.26
N ILE B 62 11.59 6.88 7.78
CA ILE B 62 12.77 7.44 7.11
C ILE B 62 13.41 8.42 8.09
N LYS B 63 14.54 8.01 8.66
CA LYS B 63 15.15 8.66 9.82
C LYS B 63 16.41 9.42 9.44
N SER B 64 16.49 10.68 9.86
CA SER B 64 17.64 11.52 9.56
C SER B 64 18.88 11.05 10.32
N VAL B 65 19.99 10.88 9.61
CA VAL B 65 21.27 10.58 10.25
C VAL B 65 21.72 11.67 11.23
N PRO B 66 21.83 12.95 10.79
CA PRO B 66 22.33 13.92 11.76
C PRO B 66 21.35 14.27 12.89
N ASN B 67 20.06 14.37 12.63
CA ASN B 67 19.14 14.87 13.66
C ASN B 67 18.16 13.86 14.25
N GLY B 68 18.06 12.67 13.66
CA GLY B 68 17.25 11.61 14.21
C GLY B 68 15.75 11.70 14.01
N ARG B 69 15.26 12.80 13.45
CA ARG B 69 13.82 12.93 13.22
C ARG B 69 13.40 12.07 12.05
N VAL B 70 12.13 11.68 12.01
CA VAL B 70 11.61 10.92 10.89
C VAL B 70 10.71 11.78 10.00
N LEU B 71 10.59 11.41 8.73
CA LEU B 71 9.73 12.12 7.81
C LEU B 71 8.26 11.83 8.07
N PHE B 72 7.41 12.80 7.72
CA PHE B 72 5.98 12.54 7.63
C PHE B 72 5.45 13.10 6.34
N SER B 73 4.31 12.57 5.89
CA SER B 73 3.66 13.02 4.68
C SER B 73 2.15 12.98 4.92
N ARG B 74 1.50 14.14 4.88
CA ARG B 74 0.08 14.25 5.21
C ARG B 74 -0.63 15.16 4.21
N THR B 75 -1.96 15.18 4.24
CA THR B 75 -2.71 16.07 3.33
C THR B 75 -3.52 17.15 4.05
N SER B 76 -3.58 17.07 5.36
CA SER B 76 -4.53 17.84 6.16
C SER B 76 -4.11 19.27 6.44
N ALA B 77 -2.81 19.52 6.42
CA ALA B 77 -2.30 20.81 6.85
C ALA B 77 -0.89 21.00 6.32
N SER B 78 -0.48 22.24 6.26
CA SER B 78 0.86 22.60 5.83
C SER B 78 1.73 22.73 7.09
N PRO B 79 2.99 22.27 7.02
CA PRO B 79 3.62 21.66 5.85
C PRO B 79 3.12 20.25 5.57
N TYR B 80 2.92 19.95 4.30
CA TYR B 80 2.47 18.63 3.90
C TYR B 80 3.50 17.54 4.15
N VAL B 81 4.77 17.86 3.88
CA VAL B 81 5.86 16.93 4.12
C VAL B 81 6.78 17.60 5.13
N GLY B 82 7.16 16.88 6.17
CA GLY B 82 7.96 17.47 7.22
C GLY B 82 8.66 16.42 8.05
N ASN B 83 9.15 16.82 9.21
CA ASN B 83 9.81 15.88 10.10
C ASN B 83 9.32 16.02 11.53
N ILE B 84 9.62 15.01 12.32
CA ILE B 84 9.10 14.93 13.68
C ILE B 84 9.97 13.97 14.47
N ALA B 85 10.20 14.30 15.74
CA ALA B 85 10.98 13.43 16.60
C ALA B 85 10.29 12.10 16.79
N GLY B 86 11.11 11.12 17.18
CA GLY B 86 10.65 9.78 17.42
C GLY B 86 11.28 8.81 16.45
N ASP B 87 10.69 7.63 16.41
CA ASP B 87 11.12 6.57 15.53
C ASP B 87 9.87 6.04 14.85
N GLY B 88 8.91 6.93 14.61
CA GLY B 88 7.70 6.57 13.92
C GLY B 88 6.53 6.39 14.85
N THR B 89 6.36 7.31 15.79
CA THR B 89 5.23 7.30 16.71
C THR B 89 3.89 7.42 15.99
N TYR B 90 3.87 8.17 14.88
CA TYR B 90 2.62 8.52 14.25
C TYR B 90 2.43 7.76 12.95
N ASN B 91 1.17 7.49 12.60
CA ASN B 91 0.89 6.67 11.43
C ASN B 91 1.44 7.25 10.15
N ASP B 92 1.41 8.57 10.02
CA ASP B 92 1.89 9.22 8.80
C ASP B 92 3.42 9.29 8.71
N ASN B 93 4.10 8.58 9.60
CA ASN B 93 5.56 8.46 9.58
C ASN B 93 6.00 7.19 8.83
N TRP B 94 5.04 6.44 8.26
CA TRP B 94 5.36 5.12 7.73
C TRP B 94 5.15 5.05 6.22
N PHE B 95 6.19 4.59 5.52
CA PHE B 95 6.24 4.64 4.07
C PHE B 95 6.45 3.26 3.47
N GLN B 96 5.86 3.06 2.30
CA GLN B 96 6.06 1.88 1.48
C GLN B 96 6.86 2.32 0.26
N PHE B 97 7.80 1.49 -0.18
CA PHE B 97 8.56 1.77 -1.40
C PHE B 97 8.04 0.88 -2.51
N ILE B 98 7.30 1.47 -3.44
CA ILE B 98 6.58 0.73 -4.46
C ILE B 98 7.28 0.84 -5.80
N GLN B 99 7.81 -0.28 -6.29
CA GLN B 99 8.54 -0.30 -7.56
C GLN B 99 7.69 0.22 -8.70
N ASP B 100 8.28 1.02 -9.58
CA ASP B 100 7.56 1.44 -10.77
C ASP B 100 7.35 0.25 -11.71
N ASP B 101 6.18 0.23 -12.36
CA ASP B 101 5.79 -0.88 -13.22
C ASP B 101 6.45 -0.88 -14.59
N ASN B 102 7.08 0.23 -14.95
CA ASN B 102 7.74 0.34 -16.26
C ASN B 102 9.26 0.44 -16.13
N ASP B 103 9.70 1.15 -15.10
CA ASP B 103 11.13 1.29 -14.80
C ASP B 103 11.44 0.54 -13.51
N PRO B 104 11.94 -0.69 -13.62
CA PRO B 104 12.16 -1.51 -12.42
C PRO B 104 13.24 -0.95 -11.47
N ASN B 105 14.01 0.03 -11.92
CA ASN B 105 15.06 0.60 -11.08
C ASN B 105 14.65 1.82 -10.25
N SER B 106 13.38 2.19 -10.28
CA SER B 106 12.93 3.30 -9.45
CA SER B 106 12.88 3.32 -9.51
C SER B 106 11.64 2.95 -8.72
N PHE B 107 11.29 3.77 -7.74
CA PHE B 107 10.14 3.50 -6.88
C PHE B 107 9.47 4.79 -6.46
N ARG B 108 8.23 4.64 -5.99
CA ARG B 108 7.48 5.71 -5.36
C ARG B 108 7.59 5.58 -3.86
N ILE B 109 7.59 6.72 -3.18
CA ILE B 109 7.65 6.80 -1.73
C ILE B 109 6.23 7.08 -1.28
N TYR B 110 5.56 6.00 -0.87
CA TYR B 110 4.12 6.00 -0.63
C TYR B 110 3.80 6.00 0.85
N ASN B 111 2.84 6.82 1.25
CA ASN B 111 2.44 6.90 2.64
C ASN B 111 1.06 6.30 2.82
N LEU B 112 0.97 5.22 3.60
CA LEU B 112 -0.30 4.52 3.76
C LEU B 112 -1.34 5.35 4.49
N ALA B 113 -0.91 6.11 5.49
CA ALA B 113 -1.84 6.89 6.28
C ALA B 113 -2.50 7.98 5.46
N SER B 114 -1.75 8.65 4.60
CA SER B 114 -2.28 9.77 3.84
C SER B 114 -2.58 9.45 2.38
N ASP B 115 -2.21 8.25 1.93
CA ASP B 115 -2.48 7.80 0.56
C ASP B 115 -1.82 8.76 -0.44
N THR B 116 -0.58 9.16 -0.16
CA THR B 116 0.16 10.08 -1.01
C THR B 116 1.50 9.49 -1.43
N VAL B 117 2.03 10.02 -2.53
CA VAL B 117 3.41 9.77 -2.94
C VAL B 117 4.19 11.10 -2.97
N LEU B 118 5.49 11.04 -2.74
CA LEU B 118 6.34 12.23 -2.83
C LEU B 118 6.72 12.50 -4.28
N TYR B 119 6.82 13.78 -4.63
CA TYR B 119 7.25 14.17 -5.97
C TYR B 119 8.33 15.25 -5.92
N SER B 120 9.11 15.31 -6.99
CA SER B 120 10.13 16.33 -7.21
C SER B 120 10.04 16.80 -8.64
N ARG B 121 9.83 18.09 -8.84
CA ARG B 121 9.71 18.65 -10.18
C ARG B 121 10.51 19.95 -10.31
N THR B 122 10.73 20.37 -11.55
CA THR B 122 11.50 21.57 -11.85
C THR B 122 10.59 22.68 -12.34
N THR B 123 9.28 22.47 -12.21
CA THR B 123 8.29 23.37 -12.78
C THR B 123 7.67 24.28 -11.73
N ALA B 124 6.35 24.27 -11.60
CA ALA B 124 5.67 25.23 -10.71
C ALA B 124 5.84 24.92 -9.22
N ASP B 125 5.86 25.97 -8.42
CA ASP B 125 5.77 25.82 -6.97
C ASP B 125 4.43 25.20 -6.60
N PRO B 126 4.39 24.31 -5.59
CA PRO B 126 5.56 23.81 -4.85
C PRO B 126 6.28 22.74 -5.66
N LYS B 127 7.59 22.92 -5.82
CA LYS B 127 8.37 22.03 -6.68
C LYS B 127 8.65 20.68 -6.01
N PHE B 128 8.49 20.63 -4.69
CA PHE B 128 8.57 19.40 -3.91
C PHE B 128 7.27 19.26 -3.13
N GLY B 129 6.79 18.04 -2.94
CA GLY B 129 5.59 17.85 -2.15
C GLY B 129 5.07 16.45 -2.21
N ASN B 130 3.78 16.31 -1.93
CA ASN B 130 3.13 15.01 -2.01
C ASN B 130 1.87 15.09 -2.87
N PHE B 131 1.30 13.94 -3.20
CA PHE B 131 0.24 13.91 -4.20
C PHE B 131 -0.55 12.62 -4.13
N THR B 132 -1.86 12.74 -4.24
CA THR B 132 -2.76 11.59 -4.38
C THR B 132 -3.37 11.62 -5.76
N GLY B 133 -3.02 10.67 -6.61
CA GLY B 133 -3.57 10.64 -7.95
C GLY B 133 -2.73 9.81 -8.90
N ALA B 134 -2.84 10.14 -10.17
CA ALA B 134 -2.20 9.36 -11.23
C ALA B 134 -0.69 9.30 -11.10
N LYS B 135 -0.12 8.30 -11.75
CA LYS B 135 1.31 8.09 -11.76
C LYS B 135 2.03 8.97 -12.77
N TYR B 136 3.04 9.71 -12.29
CA TYR B 136 3.89 10.51 -13.15
C TYR B 136 5.35 10.20 -12.83
N ASP B 137 6.20 10.48 -13.81
CA ASP B 137 7.63 10.20 -13.69
C ASP B 137 8.29 11.03 -12.59
N ASP B 138 7.73 12.19 -12.27
CA ASP B 138 8.29 13.06 -11.22
C ASP B 138 8.08 12.50 -9.80
N GLN B 139 7.43 11.36 -9.71
CA GLN B 139 7.23 10.65 -8.46
C GLN B 139 8.24 9.52 -8.24
N LEU B 140 9.22 9.41 -9.15
CA LEU B 140 10.15 8.28 -9.09
C LEU B 140 11.47 8.64 -8.41
N TRP B 141 11.92 7.76 -7.53
CA TRP B 141 13.09 7.99 -6.68
C TRP B 141 14.06 6.82 -6.75
N HIS B 142 15.30 7.10 -6.35
CA HIS B 142 16.35 6.11 -6.17
C HIS B 142 16.88 6.20 -4.74
N PHE B 143 17.30 5.06 -4.20
CA PHE B 143 18.17 5.04 -3.02
C PHE B 143 19.61 5.25 -3.51
N GLU B 144 20.28 6.25 -2.96
CA GLU B 144 21.65 6.54 -3.35
C GLU B 144 22.53 6.16 -2.17
N LEU B 145 23.14 4.99 -2.25
CA LEU B 145 23.94 4.48 -1.14
C LEU B 145 25.17 5.36 -0.98
N VAL B 146 25.58 5.56 0.26
CA VAL B 146 26.76 6.36 0.51
C VAL B 146 27.91 5.49 1.01
C TRS C . -2.27 -17.21 9.12
C1 TRS C . -3.50 -16.53 8.54
C2 TRS C . -2.32 -17.25 10.63
C3 TRS C . -0.99 -16.47 8.73
N TRS C . -2.23 -18.58 8.61
O1 TRS C . -3.65 -15.24 9.08
O2 TRS C . -1.11 -17.83 11.08
O3 TRS C . -0.75 -16.68 7.37
C TRS D . 2.75 15.15 12.74
C1 TRS D . 2.76 13.66 13.13
C2 TRS D . 2.28 15.33 11.30
C3 TRS D . 4.14 15.78 12.90
N TRS D . 1.83 15.86 13.63
O1 TRS D . 3.62 12.90 12.31
O2 TRS D . 0.95 14.86 11.13
O3 TRS D . 4.06 17.17 12.64
C TRS E . 20.93 22.17 2.14
C1 TRS E . 21.24 22.37 3.61
C2 TRS E . 19.87 23.15 1.64
C3 TRS E . 20.41 20.75 1.87
N TRS E . 22.18 22.38 1.39
O1 TRS E . 20.08 22.25 4.41
O2 TRS E . 20.20 24.48 1.96
O3 TRS E . 21.40 19.77 2.10
C TRS F . 2.06 16.20 -9.45
C1 TRS F . 2.59 16.81 -10.74
C2 TRS F . 1.82 17.25 -8.35
C3 TRS F . 3.04 15.17 -8.87
N TRS F . 0.79 15.56 -9.79
O1 TRS F . 3.84 17.44 -10.57
O2 TRS F . 0.94 18.27 -8.78
O3 TRS F . 3.19 14.03 -9.68
#